data_3HIP
#
_entry.id   3HIP
#
_cell.length_a   55.500
_cell.length_b   108.800
_cell.length_c   37.200
_cell.angle_alpha   90.00
_cell.angle_beta   90.00
_cell.angle_gamma   90.00
#
_symmetry.space_group_name_H-M   'P 21 21 2'
#
loop_
_entity.id
_entity.type
_entity.pdbx_description
1 polymer 'HIGH-POTENTIAL IRON-SULFUR PROTEIN'
2 non-polymer 'IRON/SULFUR CLUSTER'
#
_entity_poly.entity_id   1
_entity_poly.type   'polypeptide(L)'
_entity_poly.pdbx_seq_one_letter_code
;VPANAVTESDPAAVALKYHRDAASSERVAAARPGLPPEEQHCENCQFMNPDSAAADWKGCQLFPGKLINLSGWCASWTLR
AG
;
_entity_poly.pdbx_strand_id   A,B,C
#
loop_
_chem_comp.id
_chem_comp.type
_chem_comp.name
_chem_comp.formula
SF4 non-polymer 'IRON/SULFUR CLUSTER' 'Fe4 S4'
#
# COMPACT_ATOMS: atom_id res chain seq x y z
N VAL A 1 -1.13 -19.99 24.85
CA VAL A 1 -1.23 -21.10 25.84
C VAL A 1 -1.81 -20.63 27.19
N PRO A 2 -1.13 -19.72 27.92
CA PRO A 2 -1.69 -19.26 29.20
C PRO A 2 -2.97 -18.51 28.90
N ALA A 3 -4.00 -18.75 29.70
CA ALA A 3 -5.30 -18.10 29.48
C ALA A 3 -5.22 -16.57 29.45
N ASN A 4 -4.22 -16.00 30.11
CA ASN A 4 -4.05 -14.55 30.14
C ASN A 4 -3.08 -14.01 29.09
N ALA A 5 -2.68 -14.86 28.15
CA ALA A 5 -1.78 -14.43 27.09
C ALA A 5 -2.50 -13.48 26.12
N VAL A 6 -1.85 -12.38 25.79
CA VAL A 6 -2.41 -11.38 24.87
C VAL A 6 -2.62 -11.97 23.48
N THR A 7 -3.83 -11.84 22.97
CA THR A 7 -4.15 -12.34 21.64
C THR A 7 -3.89 -11.26 20.60
N GLU A 8 -3.56 -11.68 19.38
CA GLU A 8 -3.28 -10.76 18.29
C GLU A 8 -4.53 -10.06 17.78
N SER A 9 -5.69 -10.51 18.27
CA SER A 9 -6.97 -9.93 17.88
C SER A 9 -7.49 -8.99 18.96
N ASP A 10 -6.87 -9.06 20.14
CA ASP A 10 -7.21 -8.18 21.26
C ASP A 10 -7.06 -6.76 20.69
N PRO A 11 -8.07 -5.91 20.91
CA PRO A 11 -8.10 -4.52 20.43
C PRO A 11 -6.89 -3.66 20.77
N ALA A 12 -6.38 -3.78 21.99
CA ALA A 12 -5.21 -3.00 22.39
C ALA A 12 -3.97 -3.55 21.67
N ALA A 13 -3.94 -4.86 21.45
CA ALA A 13 -2.84 -5.52 20.76
C ALA A 13 -2.85 -5.08 19.31
N VAL A 14 -4.03 -5.06 18.71
CA VAL A 14 -4.17 -4.63 17.33
C VAL A 14 -3.67 -3.19 17.17
N ALA A 15 -4.07 -2.32 18.11
CA ALA A 15 -3.67 -0.91 18.09
C ALA A 15 -2.16 -0.78 18.14
N LEU A 16 -1.54 -1.58 19.01
CA LEU A 16 -0.09 -1.55 19.16
C LEU A 16 0.63 -2.39 18.11
N LYS A 17 -0.12 -3.21 17.38
CA LYS A 17 0.46 -4.07 16.34
C LYS A 17 1.30 -5.22 16.89
N TYR A 18 0.93 -5.69 18.07
CA TYR A 18 1.61 -6.78 18.74
C TYR A 18 1.45 -8.10 17.96
N HIS A 19 2.50 -8.91 17.97
CA HIS A 19 2.52 -10.20 17.28
C HIS A 19 3.32 -11.16 18.15
N ARG A 20 2.76 -12.34 18.44
CA ARG A 20 3.45 -13.32 19.27
C ARG A 20 4.84 -13.64 18.72
N ASP A 21 4.97 -13.60 17.39
CA ASP A 21 6.25 -13.87 16.73
C ASP A 21 6.72 -12.58 16.08
N ALA A 22 7.83 -12.04 16.54
CA ALA A 22 8.34 -10.79 15.99
C ALA A 22 8.56 -10.85 14.48
N ALA A 23 8.63 -12.06 13.93
CA ALA A 23 8.83 -12.23 12.49
C ALA A 23 7.59 -11.84 11.67
N SER A 24 6.42 -11.86 12.31
CA SER A 24 5.17 -11.53 11.65
C SER A 24 4.83 -10.04 11.78
N SER A 25 5.66 -9.30 12.49
CA SER A 25 5.43 -7.87 12.71
C SER A 25 6.05 -6.89 11.72
N GLU A 26 5.52 -5.67 11.72
CA GLU A 26 5.98 -4.57 10.87
C GLU A 26 7.15 -3.82 11.53
N ARG A 27 8.08 -4.58 12.11
CA ARG A 27 9.22 -4.00 12.81
C ARG A 27 10.30 -3.44 11.90
N VAL A 28 10.49 -4.08 10.75
CA VAL A 28 11.49 -3.61 9.80
C VAL A 28 11.00 -2.29 9.19
N ALA A 29 9.69 -2.13 9.10
CA ALA A 29 9.08 -0.92 8.57
C ALA A 29 9.02 0.17 9.62
N ALA A 30 8.69 -0.20 10.85
CA ALA A 30 8.60 0.77 11.94
C ALA A 30 9.96 1.47 12.14
N ALA A 31 11.04 0.72 11.97
CA ALA A 31 12.41 1.22 12.12
C ALA A 31 12.64 1.94 13.44
N ARG A 32 12.11 1.37 14.52
CA ARG A 32 12.27 1.96 15.83
C ARG A 32 13.74 1.98 16.14
N PRO A 33 14.21 3.04 16.80
CA PRO A 33 15.62 3.19 17.16
C PRO A 33 16.05 2.41 18.40
N GLY A 34 17.35 2.11 18.45
CA GLY A 34 17.90 1.40 19.59
C GLY A 34 18.72 0.19 19.23
N LEU A 35 18.17 -0.62 18.33
CA LEU A 35 18.83 -1.86 17.90
C LEU A 35 18.24 -2.20 16.53
N PRO A 36 18.97 -2.96 15.70
CA PRO A 36 18.42 -3.30 14.39
C PRO A 36 17.05 -3.98 14.56
N PRO A 37 16.12 -3.74 13.64
CA PRO A 37 14.77 -4.32 13.71
C PRO A 37 14.81 -5.81 13.95
N GLU A 38 15.73 -6.49 13.29
CA GLU A 38 15.89 -7.93 13.42
C GLU A 38 16.13 -8.33 14.86
N GLU A 39 16.78 -7.45 15.61
CA GLU A 39 17.12 -7.68 17.01
C GLU A 39 16.04 -7.29 18.01
N GLN A 40 15.00 -6.64 17.52
CA GLN A 40 13.91 -6.19 18.36
C GLN A 40 12.88 -7.26 18.77
N HIS A 41 12.78 -7.49 20.07
CA HIS A 41 11.84 -8.46 20.63
C HIS A 41 11.42 -8.00 22.02
N CYS A 42 10.41 -8.66 22.57
CA CYS A 42 9.94 -8.33 23.91
C CYS A 42 11.07 -8.65 24.88
N GLU A 43 11.88 -9.64 24.56
CA GLU A 43 12.99 -10.01 25.44
C GLU A 43 13.91 -8.85 25.82
N ASN A 44 14.13 -7.91 24.92
CA ASN A 44 14.98 -6.77 25.23
C ASN A 44 14.23 -5.44 25.21
N CYS A 45 12.95 -5.50 25.58
CA CYS A 45 12.11 -4.32 25.62
C CYS A 45 12.03 -3.76 27.03
N GLN A 46 11.98 -2.44 27.11
CA GLN A 46 11.91 -1.72 28.36
C GLN A 46 10.67 -2.00 29.18
N PHE A 47 9.54 -2.22 28.50
CA PHE A 47 8.27 -2.45 29.19
C PHE A 47 7.96 -3.90 29.55
N MET A 48 8.86 -4.82 29.23
CA MET A 48 8.65 -6.22 29.54
C MET A 48 8.85 -6.45 31.04
N ASN A 49 7.96 -7.24 31.63
CA ASN A 49 8.01 -7.56 33.06
C ASN A 49 8.49 -8.99 33.27
N PRO A 50 9.80 -9.19 33.44
CA PRO A 50 10.40 -10.51 33.64
C PRO A 50 9.99 -11.21 34.93
N ASP A 51 9.54 -10.44 35.92
CA ASP A 51 9.18 -11.04 37.21
C ASP A 51 7.74 -11.55 37.16
N SER A 52 7.16 -11.48 35.97
CA SER A 52 5.78 -11.91 35.73
C SER A 52 5.75 -13.09 34.75
N ALA A 53 4.93 -14.07 35.11
CA ALA A 53 4.71 -15.28 34.29
C ALA A 53 5.80 -16.31 34.54
N ALA A 54 5.91 -17.22 33.58
CA ALA A 54 6.88 -18.31 33.60
C ALA A 54 7.24 -18.70 32.17
N ALA A 55 8.49 -19.03 31.95
CA ALA A 55 8.98 -19.40 30.63
C ALA A 55 9.00 -18.26 29.61
N ASP A 56 8.55 -18.59 28.40
CA ASP A 56 8.49 -17.64 27.29
C ASP A 56 7.42 -16.59 27.48
N TRP A 57 6.48 -16.86 28.38
CA TRP A 57 5.36 -15.96 28.65
C TRP A 57 5.59 -15.07 29.86
N LYS A 58 6.17 -13.90 29.64
CA LYS A 58 6.42 -12.95 30.72
C LYS A 58 5.44 -11.79 30.56
N GLY A 59 5.39 -10.88 31.53
CA GLY A 59 4.44 -9.78 31.43
C GLY A 59 4.86 -8.52 30.70
N CYS A 60 3.92 -7.61 30.50
CA CYS A 60 4.18 -6.33 29.83
C CYS A 60 3.37 -5.18 30.44
N GLN A 61 4.03 -4.03 30.62
CA GLN A 61 3.45 -2.81 31.22
C GLN A 61 2.21 -2.28 30.51
N LEU A 62 2.14 -2.48 29.20
CA LEU A 62 1.03 -2.01 28.38
C LEU A 62 -0.15 -2.97 28.39
N PHE A 63 0.06 -4.21 28.84
CA PHE A 63 -0.98 -5.22 28.91
C PHE A 63 -1.16 -5.74 30.33
N PRO A 64 -1.71 -4.90 31.22
CA PRO A 64 -1.92 -5.30 32.62
C PRO A 64 -2.66 -6.62 32.79
N GLY A 65 -2.13 -7.47 33.65
CA GLY A 65 -2.75 -8.76 33.93
C GLY A 65 -2.63 -9.78 32.81
N LYS A 66 -2.06 -9.39 31.69
CA LYS A 66 -1.90 -10.30 30.57
C LYS A 66 -0.43 -10.65 30.32
N LEU A 67 -0.21 -11.68 29.52
CA LEU A 67 1.13 -12.16 29.21
C LEU A 67 1.52 -12.10 27.72
N ILE A 68 2.70 -11.56 27.43
CA ILE A 68 3.20 -11.47 26.06
C ILE A 68 4.26 -12.55 25.87
N ASN A 69 4.58 -12.89 24.62
CA ASN A 69 5.58 -13.89 24.34
C ASN A 69 6.91 -13.17 24.22
N LEU A 70 7.96 -13.70 24.84
CA LEU A 70 9.29 -13.09 24.79
C LEU A 70 9.86 -12.89 23.40
N SER A 71 9.34 -13.64 22.43
CA SER A 71 9.78 -13.55 21.04
C SER A 71 8.91 -12.59 20.22
N GLY A 72 7.91 -12.01 20.87
CA GLY A 72 7.01 -11.09 20.18
C GLY A 72 7.59 -9.73 19.90
N TRP A 73 6.72 -8.79 19.54
CA TRP A 73 7.09 -7.41 19.22
C TRP A 73 5.83 -6.58 19.05
N CYS A 74 5.92 -5.28 19.31
CA CYS A 74 4.81 -4.36 19.13
C CYS A 74 5.42 -2.99 18.86
N ALA A 75 4.64 -2.09 18.29
CA ALA A 75 5.11 -0.76 17.93
C ALA A 75 5.74 0.09 19.03
N SER A 76 5.48 -0.24 20.29
CA SER A 76 6.02 0.51 21.42
C SER A 76 7.40 0.02 21.84
N TRP A 77 8.02 -0.85 21.03
CA TRP A 77 9.31 -1.38 21.41
C TRP A 77 10.35 -0.31 21.74
N THR A 78 10.94 -0.44 22.92
CA THR A 78 11.94 0.47 23.41
C THR A 78 13.03 -0.39 24.05
N LEU A 79 14.27 -0.22 23.60
CA LEU A 79 15.40 -0.98 24.15
C LEU A 79 15.49 -0.84 25.66
N ARG A 80 15.51 -1.97 26.35
CA ARG A 80 15.60 -2.01 27.81
C ARG A 80 16.77 -1.13 28.25
N ALA A 81 16.49 -0.19 29.15
CA ALA A 81 17.49 0.75 29.64
C ALA A 81 18.86 0.18 30.01
N GLY A 82 18.94 -0.47 31.16
CA GLY A 82 20.19 -1.05 31.60
C GLY A 82 20.81 -0.31 32.77
N VAL B 1 13.36 -0.03 2.07
CA VAL B 1 13.73 -0.85 3.28
C VAL B 1 12.84 -2.09 3.47
N PRO B 2 11.50 -1.90 3.62
CA PRO B 2 10.64 -3.08 3.79
C PRO B 2 10.67 -3.87 2.50
N ALA B 3 10.76 -5.20 2.60
CA ALA B 3 10.80 -6.05 1.42
C ALA B 3 9.59 -5.85 0.50
N ASN B 4 8.47 -5.45 1.07
CA ASN B 4 7.24 -5.22 0.31
C ASN B 4 7.05 -3.76 -0.12
N ALA B 5 8.11 -2.96 -0.04
CA ALA B 5 8.03 -1.56 -0.46
C ALA B 5 8.07 -1.44 -2.00
N VAL B 6 7.13 -0.69 -2.55
CA VAL B 6 7.04 -0.49 -3.99
C VAL B 6 8.31 0.14 -4.52
N THR B 7 8.92 -0.48 -5.53
CA THR B 7 10.13 0.04 -6.16
C THR B 7 9.76 0.97 -7.30
N GLU B 8 10.64 1.92 -7.61
CA GLU B 8 10.38 2.87 -8.69
C GLU B 8 10.53 2.26 -10.08
N SER B 9 10.99 1.01 -10.12
CA SER B 9 11.19 0.28 -11.35
C SER B 9 10.04 -0.72 -11.55
N ASP B 10 9.28 -0.94 -10.49
CA ASP B 10 8.12 -1.83 -10.54
C ASP B 10 7.29 -1.24 -11.68
N PRO B 11 6.90 -2.07 -12.62
CA PRO B 11 6.11 -1.72 -13.78
C PRO B 11 4.80 -0.97 -13.53
N ALA B 12 4.04 -1.36 -12.50
CA ALA B 12 2.80 -0.66 -12.18
C ALA B 12 3.19 0.71 -11.64
N ALA B 13 4.30 0.76 -10.88
CA ALA B 13 4.81 1.99 -10.32
C ALA B 13 5.25 2.96 -11.43
N VAL B 14 5.93 2.41 -12.43
CA VAL B 14 6.39 3.18 -13.57
C VAL B 14 5.20 3.76 -14.33
N ALA B 15 4.16 2.94 -14.49
CA ALA B 15 2.94 3.34 -15.18
C ALA B 15 2.31 4.52 -14.45
N LEU B 16 2.19 4.40 -13.12
CA LEU B 16 1.62 5.45 -12.30
C LEU B 16 2.58 6.62 -12.01
N LYS B 17 3.86 6.44 -12.35
CA LYS B 17 4.89 7.47 -12.14
C LYS B 17 5.18 7.72 -10.67
N TYR B 18 5.07 6.66 -9.87
CA TYR B 18 5.32 6.74 -8.45
C TYR B 18 6.81 6.98 -8.16
N HIS B 19 7.09 7.80 -7.15
CA HIS B 19 8.44 8.14 -6.72
C HIS B 19 8.48 8.19 -5.21
N ARG B 20 9.39 7.44 -4.59
CA ARG B 20 9.49 7.42 -3.13
C ARG B 20 9.62 8.83 -2.52
N ASP B 21 10.18 9.75 -3.30
CA ASP B 21 10.34 11.14 -2.86
C ASP B 21 9.55 12.00 -3.83
N ALA B 22 8.49 12.63 -3.33
CA ALA B 22 7.64 13.47 -4.16
C ALA B 22 8.41 14.55 -4.91
N ALA B 23 9.59 14.93 -4.41
CA ALA B 23 10.40 15.95 -5.06
C ALA B 23 10.97 15.49 -6.40
N SER B 24 11.09 14.18 -6.60
CA SER B 24 11.61 13.60 -7.83
C SER B 24 10.49 13.36 -8.85
N SER B 25 9.25 13.61 -8.43
CA SER B 25 8.09 13.38 -9.30
C SER B 25 7.68 14.53 -10.22
N GLU B 26 6.89 14.18 -11.24
CA GLU B 26 6.36 15.12 -12.24
C GLU B 26 5.04 15.71 -11.72
N ARG B 27 4.98 15.98 -10.43
CA ARG B 27 3.77 16.52 -9.81
C ARG B 27 3.47 17.97 -10.17
N VAL B 28 4.52 18.77 -10.34
CA VAL B 28 4.34 20.18 -10.70
C VAL B 28 3.76 20.25 -12.10
N ALA B 29 4.19 19.31 -12.95
CA ALA B 29 3.74 19.24 -14.32
C ALA B 29 2.34 18.65 -14.39
N ALA B 30 2.08 17.64 -13.57
CA ALA B 30 0.78 16.98 -13.52
C ALA B 30 -0.33 17.97 -13.21
N ALA B 31 -0.02 18.91 -12.32
CA ALA B 31 -0.95 19.95 -11.89
C ALA B 31 -2.31 19.39 -11.46
N ARG B 32 -2.28 18.26 -10.78
CA ARG B 32 -3.51 17.64 -10.29
C ARG B 32 -4.18 18.64 -9.36
N PRO B 33 -5.52 18.69 -9.37
CA PRO B 33 -6.28 19.61 -8.53
C PRO B 33 -6.46 19.15 -7.08
N GLY B 34 -6.75 20.11 -6.20
CA GLY B 34 -6.97 19.79 -4.80
C GLY B 34 -6.08 20.56 -3.84
N LEU B 35 -4.80 20.56 -4.12
CA LEU B 35 -3.81 21.23 -3.28
C LEU B 35 -2.62 21.57 -4.18
N PRO B 36 -1.87 22.63 -3.85
CA PRO B 36 -0.71 22.99 -4.69
C PRO B 36 0.19 21.77 -4.81
N PRO B 37 0.77 21.55 -5.99
CA PRO B 37 1.66 20.41 -6.25
C PRO B 37 2.66 20.18 -5.12
N GLU B 38 3.29 21.27 -4.68
CA GLU B 38 4.28 21.20 -3.62
C GLU B 38 3.75 20.49 -2.38
N GLU B 39 2.46 20.64 -2.13
CA GLU B 39 1.79 20.03 -0.98
C GLU B 39 1.38 18.58 -1.21
N GLN B 40 1.44 18.14 -2.46
CA GLN B 40 1.02 16.78 -2.81
C GLN B 40 1.98 15.65 -2.42
N HIS B 41 1.48 14.76 -1.55
CA HIS B 41 2.24 13.60 -1.08
C HIS B 41 1.26 12.47 -0.78
N CYS B 42 1.78 11.27 -0.59
CA CYS B 42 0.92 10.14 -0.26
C CYS B 42 0.27 10.37 1.10
N GLU B 43 0.94 11.13 1.96
CA GLU B 43 0.41 11.39 3.30
C GLU B 43 -1.00 11.96 3.27
N ASN B 44 -1.28 12.83 2.30
CA ASN B 44 -2.60 13.43 2.19
C ASN B 44 -3.38 12.95 0.98
N CYS B 45 -3.07 11.66 0.56
CA CYS B 45 -3.81 11.09 -0.58
C CYS B 45 -4.98 10.24 -0.07
N GLN B 46 -5.99 10.20 -0.90
CA GLN B 46 -7.25 9.51 -0.62
C GLN B 46 -7.05 7.98 -0.59
N PHE B 47 -6.14 7.49 -1.42
CA PHE B 47 -5.90 6.03 -1.55
C PHE B 47 -4.83 5.54 -0.59
N MET B 48 -4.24 6.32 0.26
CA MET B 48 -3.22 5.87 1.22
C MET B 48 -3.88 5.08 2.35
N ASN B 49 -3.27 3.96 2.72
CA ASN B 49 -3.78 3.10 3.79
C ASN B 49 -2.93 3.25 5.05
N PRO B 50 -3.35 4.15 5.96
CA PRO B 50 -2.62 4.39 7.21
C PRO B 50 -2.59 3.22 8.19
N ASP B 51 -3.57 2.35 8.12
CA ASP B 51 -3.64 1.23 9.07
C ASP B 51 -2.70 0.10 8.63
N SER B 52 -1.98 0.37 7.55
CA SER B 52 -1.03 -0.60 6.95
C SER B 52 0.41 -0.11 7.09
N ALA B 53 1.27 -1.07 7.42
CA ALA B 53 2.71 -0.83 7.59
C ALA B 53 2.99 -0.19 8.95
N ALA B 54 4.14 0.46 9.00
CA ALA B 54 4.62 1.16 10.20
C ALA B 54 5.57 2.28 9.77
N ALA B 55 5.56 3.33 10.56
CA ALA B 55 6.40 4.52 10.33
C ALA B 55 6.07 5.14 8.97
N ASP B 56 7.12 5.50 8.20
CA ASP B 56 6.98 6.16 6.90
C ASP B 56 6.37 5.26 5.83
N TRP B 57 6.50 3.95 6.01
CA TRP B 57 6.01 2.98 5.05
C TRP B 57 4.60 2.46 5.29
N LYS B 58 3.61 3.19 4.79
CA LYS B 58 2.20 2.79 4.94
C LYS B 58 1.74 2.21 3.60
N GLY B 59 0.52 1.65 3.57
CA GLY B 59 0.01 1.05 2.35
C GLY B 59 -0.79 1.91 1.39
N CYS B 60 -1.03 1.38 0.19
CA CYS B 60 -1.80 2.06 -0.87
C CYS B 60 -2.74 1.11 -1.63
N GLN B 61 -3.93 1.62 -1.92
CA GLN B 61 -4.98 0.89 -2.63
C GLN B 61 -4.58 0.36 -4.00
N LEU B 62 -3.75 1.13 -4.69
CA LEU B 62 -3.28 0.78 -6.02
C LEU B 62 -2.15 -0.25 -6.02
N PHE B 63 -1.49 -0.42 -4.87
CA PHE B 63 -0.40 -1.38 -4.73
C PHE B 63 -0.69 -2.40 -3.63
N PRO B 64 -1.63 -3.34 -3.90
CA PRO B 64 -2.02 -4.38 -2.95
C PRO B 64 -0.86 -5.19 -2.41
N GLY B 65 -0.79 -5.30 -1.09
CA GLY B 65 0.26 -6.05 -0.43
C GLY B 65 1.61 -5.36 -0.36
N LYS B 66 1.74 -4.22 -1.03
CA LYS B 66 2.99 -3.48 -1.04
C LYS B 66 2.86 -2.17 -0.27
N LEU B 67 4.00 -1.59 0.08
CA LEU B 67 4.07 -0.34 0.85
C LEU B 67 4.71 0.81 0.10
N ILE B 68 4.10 1.98 0.23
CA ILE B 68 4.60 3.21 -0.39
C ILE B 68 5.20 4.09 0.70
N ASN B 69 5.94 5.13 0.30
CA ASN B 69 6.56 6.02 1.26
C ASN B 69 5.65 7.23 1.42
N LEU B 70 5.35 7.59 2.68
CA LEU B 70 4.48 8.73 2.96
C LEU B 70 4.91 10.05 2.34
N SER B 71 6.17 10.12 1.90
CA SER B 71 6.69 11.33 1.28
C SER B 71 6.66 11.20 -0.24
N GLY B 72 6.21 10.04 -0.72
CA GLY B 72 6.14 9.81 -2.15
C GLY B 72 5.00 10.53 -2.85
N TRP B 73 4.78 10.16 -4.11
CA TRP B 73 3.72 10.74 -4.94
C TRP B 73 3.58 9.89 -6.19
N CYS B 74 2.39 9.89 -6.77
CA CYS B 74 2.13 9.18 -8.02
C CYS B 74 1.04 9.97 -8.74
N ALA B 75 0.91 9.74 -10.05
CA ALA B 75 -0.07 10.44 -10.86
C ALA B 75 -1.53 10.32 -10.44
N SER B 76 -1.85 9.33 -9.60
CA SER B 76 -3.23 9.14 -9.12
C SER B 76 -3.53 9.95 -7.88
N TRP B 77 -2.65 10.87 -7.53
CA TRP B 77 -2.84 11.67 -6.33
C TRP B 77 -4.20 12.32 -6.26
N THR B 78 -4.89 12.00 -5.18
CA THR B 78 -6.21 12.52 -4.92
C THR B 78 -6.31 12.95 -3.45
N LEU B 79 -6.54 14.25 -3.24
CA LEU B 79 -6.67 14.82 -1.91
C LEU B 79 -7.55 13.99 -0.97
N ARG B 80 -6.99 13.59 0.16
CA ARG B 80 -7.71 12.78 1.14
C ARG B 80 -9.02 13.42 1.54
N VAL C 1 -22.54 -3.50 -17.84
CA VAL C 1 -23.43 -4.70 -17.83
C VAL C 1 -23.11 -5.67 -16.69
N PRO C 2 -21.87 -6.20 -16.62
CA PRO C 2 -21.56 -7.13 -15.51
C PRO C 2 -21.56 -6.31 -14.23
N ALA C 3 -22.11 -6.87 -13.16
CA ALA C 3 -22.19 -6.19 -11.87
C ALA C 3 -20.83 -5.73 -11.35
N ASN C 4 -19.77 -6.45 -11.72
CA ASN C 4 -18.43 -6.09 -11.28
C ASN C 4 -17.68 -5.20 -12.25
N ALA C 5 -18.37 -4.67 -13.25
CA ALA C 5 -17.72 -3.79 -14.23
C ALA C 5 -17.36 -2.45 -13.58
N VAL C 6 -16.16 -1.96 -13.86
CA VAL C 6 -15.70 -0.69 -13.30
C VAL C 6 -16.51 0.49 -13.83
N THR C 7 -17.09 1.28 -12.94
CA THR C 7 -17.86 2.46 -13.36
C THR C 7 -16.97 3.69 -13.54
N GLU C 8 -17.36 4.60 -14.42
CA GLU C 8 -16.58 5.81 -14.67
C GLU C 8 -16.66 6.81 -13.53
N SER C 9 -17.48 6.49 -12.53
CA SER C 9 -17.65 7.34 -11.36
C SER C 9 -16.92 6.73 -10.16
N ASP C 10 -16.44 5.50 -10.34
CA ASP C 10 -15.69 4.80 -9.29
C ASP C 10 -14.48 5.70 -9.02
N PRO C 11 -14.23 6.02 -7.75
CA PRO C 11 -13.11 6.88 -7.32
C PRO C 11 -11.74 6.49 -7.82
N ALA C 12 -11.46 5.18 -7.86
CA ALA C 12 -10.16 4.73 -8.37
C ALA C 12 -10.16 4.90 -9.88
N ALA C 13 -11.32 4.73 -10.51
CA ALA C 13 -11.43 4.89 -11.96
C ALA C 13 -11.24 6.35 -12.32
N VAL C 14 -11.88 7.23 -11.57
CA VAL C 14 -11.79 8.67 -11.80
C VAL C 14 -10.34 9.14 -11.69
N ALA C 15 -9.63 8.60 -10.71
CA ALA C 15 -8.23 8.93 -10.47
C ALA C 15 -7.42 8.57 -11.69
N LEU C 16 -7.64 7.34 -12.17
CA LEU C 16 -6.92 6.85 -13.32
C LEU C 16 -7.47 7.39 -14.64
N LYS C 17 -8.62 8.05 -14.59
CA LYS C 17 -9.24 8.62 -15.80
C LYS C 17 -9.72 7.54 -16.76
N TYR C 18 -10.15 6.42 -16.21
CA TYR C 18 -10.66 5.31 -16.99
C TYR C 18 -11.99 5.67 -17.66
N HIS C 19 -12.17 5.24 -18.90
CA HIS C 19 -13.39 5.45 -19.67
C HIS C 19 -13.72 4.16 -20.41
N ARG C 20 -14.94 3.66 -20.26
CA ARG C 20 -15.34 2.42 -20.94
C ARG C 20 -15.07 2.48 -22.45
N ASP C 21 -15.18 3.69 -23.02
CA ASP C 21 -14.92 3.92 -24.45
C ASP C 21 -13.70 4.82 -24.53
N ALA C 22 -12.61 4.30 -25.09
CA ALA C 22 -11.38 5.06 -25.21
C ALA C 22 -11.60 6.39 -25.95
N ALA C 23 -12.69 6.51 -26.70
CA ALA C 23 -12.91 7.70 -27.53
C ALA C 23 -13.34 8.88 -26.66
N SER C 24 -13.72 8.57 -25.44
CA SER C 24 -14.17 9.59 -24.47
C SER C 24 -13.05 9.96 -23.48
N SER C 25 -11.88 9.40 -23.71
CA SER C 25 -10.72 9.61 -22.82
C SER C 25 -9.73 10.64 -23.40
N GLU C 26 -8.95 11.19 -22.37
CA GLU C 26 -7.93 12.21 -22.61
C GLU C 26 -6.65 11.52 -23.10
N ARG C 27 -6.80 10.51 -23.96
CA ARG C 27 -5.65 9.77 -24.45
C ARG C 27 -4.81 10.49 -25.45
N VAL C 28 -5.42 11.33 -26.28
CA VAL C 28 -4.66 12.08 -27.27
C VAL C 28 -3.85 13.16 -26.55
N ALA C 29 -4.38 13.60 -25.41
CA ALA C 29 -3.72 14.61 -24.59
C ALA C 29 -2.62 13.99 -23.74
N ALA C 30 -2.88 12.79 -23.21
CA ALA C 30 -1.91 12.09 -22.38
C ALA C 30 -0.63 11.79 -23.15
N ALA C 31 -0.78 11.46 -24.42
CA ALA C 31 0.34 11.15 -25.31
C ALA C 31 1.28 10.09 -24.74
N ARG C 32 0.71 9.05 -24.12
CA ARG C 32 1.52 7.98 -23.56
C ARG C 32 2.29 7.33 -24.68
N PRO C 33 3.55 6.94 -24.43
CA PRO C 33 4.38 6.31 -25.44
C PRO C 33 4.10 4.82 -25.64
N GLY C 34 4.39 4.33 -26.84
CA GLY C 34 4.20 2.93 -27.16
C GLY C 34 3.52 2.68 -28.49
N LEU C 35 2.40 3.36 -28.68
CA LEU C 35 1.59 3.24 -29.89
C LEU C 35 0.81 4.54 -29.98
N PRO C 36 0.44 4.97 -31.20
CA PRO C 36 -0.32 6.21 -31.32
C PRO C 36 -1.52 6.17 -30.39
N PRO C 37 -1.93 7.32 -29.81
CA PRO C 37 -3.07 7.41 -28.91
C PRO C 37 -4.30 6.72 -29.48
N GLU C 38 -4.56 6.94 -30.77
CA GLU C 38 -5.71 6.34 -31.45
C GLU C 38 -5.77 4.81 -31.33
N GLU C 39 -4.60 4.21 -31.20
CA GLU C 39 -4.46 2.77 -31.08
C GLU C 39 -4.48 2.28 -29.63
N GLN C 40 -4.42 3.20 -28.68
CA GLN C 40 -4.40 2.85 -27.26
C GLN C 40 -5.75 2.43 -26.68
N HIS C 41 -5.82 1.18 -26.21
CA HIS C 41 -7.03 0.62 -25.61
C HIS C 41 -6.62 -0.42 -24.56
N CYS C 42 -7.60 -0.92 -23.81
CA CYS C 42 -7.26 -1.94 -22.83
C CYS C 42 -6.87 -3.24 -23.55
N GLU C 43 -7.37 -3.44 -24.76
CA GLU C 43 -7.09 -4.67 -25.52
C GLU C 43 -5.59 -4.94 -25.72
N ASN C 44 -4.80 -3.88 -25.86
CA ASN C 44 -3.37 -4.03 -26.04
C ASN C 44 -2.58 -3.46 -24.87
N CYS C 45 -3.19 -3.46 -23.68
CA CYS C 45 -2.55 -2.93 -22.48
C CYS C 45 -1.87 -4.05 -21.69
N GLN C 46 -0.77 -3.69 -21.06
CA GLN C 46 0.03 -4.61 -20.27
C GLN C 46 -0.69 -5.15 -19.05
N PHE C 47 -1.50 -4.32 -18.42
CA PHE C 47 -2.21 -4.74 -17.22
C PHE C 47 -3.54 -5.44 -17.41
N MET C 48 -4.00 -5.55 -18.67
CA MET C 48 -5.27 -6.22 -18.95
C MET C 48 -5.16 -7.72 -18.67
N ASN C 49 -6.15 -8.28 -17.99
CA ASN C 49 -6.19 -9.71 -17.65
C ASN C 49 -7.17 -10.40 -18.60
N PRO C 50 -6.67 -11.00 -19.68
CA PRO C 50 -7.53 -11.69 -20.66
C PRO C 50 -8.20 -12.96 -20.14
N ASP C 51 -7.61 -13.63 -19.21
CA ASP C 51 -8.16 -14.89 -18.69
C ASP C 51 -9.33 -14.62 -17.73
N SER C 52 -9.63 -13.34 -17.59
CA SER C 52 -10.69 -12.87 -16.68
C SER C 52 -11.88 -12.30 -17.46
N ALA C 53 -13.06 -12.67 -16.97
CA ALA C 53 -14.35 -12.22 -17.53
C ALA C 53 -14.75 -13.04 -18.76
N ALA C 54 -15.56 -12.40 -19.57
CA ALA C 54 -16.07 -12.97 -20.82
C ALA C 54 -16.45 -11.83 -21.78
N ALA C 55 -16.23 -12.11 -23.05
CA ALA C 55 -16.52 -11.16 -24.13
C ALA C 55 -15.65 -9.90 -23.98
N ASP C 56 -16.29 -8.74 -24.20
CA ASP C 56 -15.64 -7.43 -24.16
C ASP C 56 -15.20 -7.04 -22.74
N TRP C 57 -15.77 -7.71 -21.75
CA TRP C 57 -15.45 -7.44 -20.37
C TRP C 57 -14.40 -8.37 -19.81
N LYS C 58 -13.14 -7.94 -19.83
CA LYS C 58 -12.05 -8.74 -19.29
C LYS C 58 -11.55 -7.98 -18.07
N GLY C 59 -10.64 -8.57 -17.29
CA GLY C 59 -10.14 -7.89 -16.10
C GLY C 59 -8.92 -6.97 -16.23
N CYS C 60 -8.56 -6.33 -15.12
CA CYS C 60 -7.41 -5.43 -15.05
C CYS C 60 -6.77 -5.45 -13.66
N GLN C 61 -5.44 -5.51 -13.66
CA GLN C 61 -4.59 -5.52 -12.47
C GLN C 61 -4.87 -4.40 -11.46
N LEU C 62 -5.15 -3.20 -11.97
CA LEU C 62 -5.41 -2.04 -11.13
C LEU C 62 -6.81 -2.05 -10.53
N PHE C 63 -7.70 -2.86 -11.09
CA PHE C 63 -9.07 -2.95 -10.60
C PHE C 63 -9.41 -4.37 -10.13
N PRO C 64 -8.74 -4.86 -9.07
CA PRO C 64 -8.96 -6.21 -8.54
C PRO C 64 -10.43 -6.57 -8.36
N GLY C 65 -10.80 -7.74 -8.87
CA GLY C 65 -12.17 -8.22 -8.76
C GLY C 65 -13.17 -7.54 -9.67
N LYS C 66 -12.74 -6.50 -10.35
CA LYS C 66 -13.63 -5.76 -11.23
C LYS C 66 -13.26 -5.96 -12.69
N LEU C 67 -14.19 -5.63 -13.59
CA LEU C 67 -14.00 -5.79 -15.02
C LEU C 67 -13.99 -4.50 -15.83
N ILE C 68 -13.01 -4.38 -16.71
CA ILE C 68 -12.90 -3.22 -17.60
C ILE C 68 -13.38 -3.61 -19.00
N ASN C 69 -13.68 -2.63 -19.84
CA ASN C 69 -14.14 -2.89 -21.21
C ASN C 69 -12.89 -2.88 -22.10
N LEU C 70 -12.75 -3.89 -22.94
CA LEU C 70 -11.58 -3.98 -23.82
C LEU C 70 -11.40 -2.77 -24.73
N SER C 71 -12.45 -1.99 -24.90
CA SER C 71 -12.41 -0.80 -25.77
C SER C 71 -12.07 0.46 -24.98
N GLY C 72 -12.06 0.35 -23.66
CA GLY C 72 -11.73 1.50 -22.82
C GLY C 72 -10.29 1.95 -22.84
N TRP C 73 -9.94 2.78 -21.85
CA TRP C 73 -8.60 3.32 -21.72
C TRP C 73 -8.47 4.04 -20.38
N CYS C 74 -7.26 4.10 -19.84
CA CYS C 74 -7.00 4.83 -18.60
C CYS C 74 -5.59 5.38 -18.69
N ALA C 75 -5.28 6.34 -17.83
CA ALA C 75 -3.96 6.98 -17.81
C ALA C 75 -2.75 6.06 -17.62
N SER C 76 -2.96 4.86 -17.11
CA SER C 76 -1.88 3.90 -16.89
C SER C 76 -1.61 3.03 -18.11
N TRP C 77 -2.16 3.40 -19.26
CA TRP C 77 -1.96 2.59 -20.45
C TRP C 77 -0.50 2.31 -20.76
N THR C 78 -0.16 1.04 -20.85
CA THR C 78 1.19 0.61 -21.15
C THR C 78 1.10 -0.53 -22.16
N LEU C 79 1.78 -0.37 -23.29
CA LEU C 79 1.77 -1.38 -24.35
C LEU C 79 2.13 -2.75 -23.82
N ARG C 80 1.24 -3.70 -24.05
CA ARG C 80 1.43 -5.07 -23.61
C ARG C 80 2.77 -5.56 -24.16
N ALA C 81 3.62 -6.04 -23.25
CA ALA C 81 4.95 -6.52 -23.57
C ALA C 81 5.10 -7.36 -24.83
N GLY C 82 4.75 -8.63 -24.75
CA GLY C 82 4.88 -9.51 -25.91
C GLY C 82 6.03 -10.48 -25.73
FE1 SF4 D . 6.47 -6.50 23.92
FE2 SF4 D . 7.62 -4.31 24.59
FE3 SF4 D . 5.34 -4.93 25.57
FE4 SF4 D . 5.49 -4.42 23.26
S1 SF4 D . 5.87 -2.86 24.83
S2 SF4 D . 4.23 -6.17 23.94
S3 SF4 D . 7.48 -5.10 22.42
S4 SF4 D . 7.27 -6.03 26.03
FE1 SF4 E . 0.63 7.51 -3.09
FE2 SF4 E . -1.75 8.14 -3.45
FE3 SF4 E . -0.99 5.61 -3.65
FE4 SF4 E . -0.22 7.26 -5.19
S1 SF4 E . -2.43 6.69 -5.05
S2 SF4 E . 1.21 5.68 -4.34
S3 SF4 E . -0.02 9.35 -4.29
S4 SF4 E . -1.04 6.81 -1.72
FE1 SF4 F . -7.33 -0.48 -19.21
FE2 SF4 F . -4.83 -0.75 -19.03
FE3 SF4 F . -6.31 -1.34 -17.03
FE4 SF4 F . -6.10 0.87 -17.72
S1 SF4 F . -4.33 -0.26 -16.88
S2 SF4 F . -8.13 0.08 -17.13
S3 SF4 F . -5.81 1.05 -19.99
S4 SF4 F . -6.33 -2.49 -18.95
#